data_5TBO
#
_entry.id   5TBO
#
_cell.length_a   86.380
_cell.length_b   86.380
_cell.length_c   138.608
_cell.angle_alpha   90.00
_cell.angle_beta   90.00
_cell.angle_gamma   120.00
#
_symmetry.space_group_name_H-M   'P 64'
#
loop_
_entity.id
_entity.type
_entity.pdbx_description
1 polymer 'Dihydroorotate dehydrogenase (quinone), mitochondrial'
2 non-polymer 2-(1,1-difluoroethyl)-5-methyl-N-[6-(trifluoromethyl)pyridin-3-yl][1,2,4]triazolo[1,5-a]pyrimidin-7-amine
3 non-polymer 'FLAVIN MONONUCLEOTIDE'
4 non-polymer 'OROTIC ACID'
5 non-polymer 'LAURYL DIMETHYLAMINE-N-OXIDE'
6 non-polymer GLYCEROL
7 water water
#
_entity_poly.entity_id   1
_entity_poly.type   'polypeptide(L)'
_entity_poly.pdbx_seq_one_letter_code
;MGHHHHHHAENLYFQGADPFESYNPEFFLYDIFLKFCLKYIDGEICHDLFLLLGKYNILPYDTSNDSIYACTNIKHLDFI
NPFGVAAGFDKNGVCIDSILKLGFSFIEIGTITPRGQTGNAKPRIFRDVESRSIINSCGFNNMGCDKVTENLILFRKRQE
EDKLLSKHIVGVSIGKNKDTVNIVDDLKYCINKIGRYADYIAINVSSPNTPGLRDNQEAGKLKNIILSVKEEIDNLEKNN
IMNDEFLWFNTTKKKPLVFVKLAPDLNQEQKKEIADVLLETNIDGMIISNTTTQINDIKSFENKKGGVSGAKLKDISTKF
ICEMYNYTNKQIPIIASGGIFSGLDALEKIEAGASVCQLYSCLVFNGMKSAVQIKRELNHLLYQRGYYNLKEAIGRKHSK
S
;
_entity_poly.pdbx_strand_id   A
#
loop_
_chem_comp.id
_chem_comp.type
_chem_comp.name
_chem_comp.formula
78Z non-polymer 2-(1,1-difluoroethyl)-5-methyl-N-[6-(trifluoromethyl)pyridin-3-yl][1,2,4]triazolo[1,5-a]pyrimidin-7-amine 'C14 H11 F5 N6'
FMN non-polymer 'FLAVIN MONONUCLEOTIDE' 'C17 H21 N4 O9 P'
GOL non-polymer GLYCEROL 'C3 H8 O3'
LDA non-polymer 'LAURYL DIMETHYLAMINE-N-OXIDE' 'C14 H31 N O'
ORO non-polymer 'OROTIC ACID' 'C5 H4 N2 O4'
#
# COMPACT_ATOMS: atom_id res chain seq x y z
N ASN A 24 12.43 21.32 9.14
CA ASN A 24 12.34 21.72 7.73
C ASN A 24 13.65 21.60 6.96
N PRO A 25 14.77 22.12 7.52
CA PRO A 25 16.01 22.11 6.73
C PRO A 25 16.51 20.70 6.38
N GLU A 26 16.20 19.71 7.21
CA GLU A 26 16.56 18.33 6.90
C GLU A 26 15.76 17.86 5.68
N PHE A 27 14.46 18.13 5.69
CA PHE A 27 13.60 17.81 4.56
C PHE A 27 13.99 18.63 3.31
N PHE A 28 14.32 19.90 3.52
CA PHE A 28 14.65 20.80 2.42
C PHE A 28 15.89 20.35 1.67
N LEU A 29 16.97 20.11 2.40
CA LEU A 29 18.22 19.61 1.82
C LEU A 29 18.03 18.30 1.06
N TYR A 30 17.26 17.39 1.64
CA TYR A 30 17.06 16.08 1.02
C TYR A 30 16.24 16.18 -0.26
N ASP A 31 15.26 17.07 -0.27
CA ASP A 31 14.38 17.19 -1.42
C ASP A 31 15.07 17.93 -2.56
N ILE A 32 16.13 18.68 -2.26
CA ILE A 32 16.99 19.24 -3.28
C ILE A 32 17.77 18.11 -3.94
N PHE A 33 18.34 17.25 -3.10
CA PHE A 33 19.11 16.10 -3.57
C PHE A 33 18.21 15.17 -4.40
N LEU A 34 16.97 15.03 -3.96
CA LEU A 34 16.02 14.15 -4.64
C LEU A 34 15.63 14.68 -6.01
N LYS A 35 15.46 16.00 -6.12
CA LYS A 35 15.15 16.63 -7.41
C LYS A 35 16.33 16.46 -8.37
N PHE A 36 17.54 16.59 -7.84
CA PHE A 36 18.76 16.35 -8.59
C PHE A 36 18.79 14.92 -9.12
N CYS A 37 18.57 13.96 -8.22
CA CYS A 37 18.55 12.55 -8.56
C CYS A 37 17.49 12.25 -9.63
N LEU A 38 16.32 12.85 -9.48
CA LEU A 38 15.22 12.67 -10.41
C LEU A 38 15.62 13.08 -11.83
N LYS A 39 16.32 14.19 -11.94
CA LYS A 39 16.76 14.71 -13.23
C LYS A 39 17.80 13.82 -13.92
N TYR A 40 18.83 13.43 -13.16
CA TYR A 40 20.03 12.83 -13.75
C TYR A 40 20.09 11.31 -13.70
N ILE A 41 19.50 10.71 -12.67
CA ILE A 41 19.76 9.31 -12.34
C ILE A 41 18.57 8.38 -12.57
N ASP A 42 18.89 7.16 -13.02
CA ASP A 42 17.89 6.11 -13.25
C ASP A 42 16.98 5.88 -12.05
N GLY A 43 15.69 5.68 -12.32
CA GLY A 43 14.68 5.55 -11.29
C GLY A 43 14.96 4.49 -10.24
N GLU A 44 15.14 3.24 -10.67
CA GLU A 44 15.34 2.15 -9.71
C GLU A 44 16.61 2.33 -8.92
N ILE A 45 17.66 2.85 -9.56
CA ILE A 45 18.90 3.18 -8.86
C ILE A 45 18.63 4.21 -7.77
N CYS A 46 17.90 5.28 -8.12
CA CYS A 46 17.53 6.31 -7.15
C CYS A 46 16.77 5.71 -6.00
N HIS A 47 15.78 4.89 -6.35
CA HIS A 47 14.89 4.29 -5.37
C HIS A 47 15.68 3.48 -4.35
N ASP A 48 16.60 2.66 -4.85
CA ASP A 48 17.40 1.79 -3.99
C ASP A 48 18.39 2.59 -3.14
N LEU A 49 18.84 3.73 -3.66
CA LEU A 49 19.74 4.58 -2.88
C LEU A 49 19.04 5.13 -1.65
N PHE A 50 17.83 5.63 -1.83
CA PHE A 50 17.10 6.23 -0.72
C PHE A 50 16.62 5.20 0.27
N LEU A 51 16.29 4.00 -0.21
CA LEU A 51 15.97 2.88 0.68
C LEU A 51 17.18 2.55 1.54
N LEU A 52 18.37 2.65 0.94
CA LEU A 52 19.62 2.38 1.65
C LEU A 52 19.86 3.46 2.71
N LEU A 53 19.64 4.71 2.34
CA LEU A 53 19.76 5.83 3.28
C LEU A 53 18.81 5.64 4.46
N GLY A 54 17.61 5.16 4.17
CA GLY A 54 16.63 4.92 5.22
C GLY A 54 17.02 3.75 6.10
N LYS A 55 17.60 2.72 5.49
CA LYS A 55 18.03 1.54 6.23
C LYS A 55 19.08 1.89 7.29
N TYR A 56 19.92 2.86 6.99
CA TYR A 56 20.96 3.28 7.92
C TYR A 56 20.56 4.52 8.72
N ASN A 57 19.26 4.82 8.69
CA ASN A 57 18.64 5.78 9.61
C ASN A 57 19.23 7.19 9.56
N ILE A 58 19.37 7.73 8.35
CA ILE A 58 19.83 9.11 8.21
C ILE A 58 18.85 9.92 7.35
N LEU A 59 17.60 9.48 7.31
CA LEU A 59 16.52 10.27 6.75
C LEU A 59 15.79 11.03 7.87
N PRO A 60 15.07 12.11 7.52
CA PRO A 60 14.39 12.93 8.54
C PRO A 60 13.21 12.24 9.21
N TYR A 61 12.83 12.74 10.38
CA TYR A 61 11.64 12.30 11.10
C TYR A 61 10.53 13.35 11.04
N ASP A 62 9.29 12.89 10.92
CA ASP A 62 8.13 13.70 11.26
C ASP A 62 7.68 13.27 12.65
N THR A 63 8.05 14.07 13.66
CA THR A 63 7.74 13.76 15.04
C THR A 63 6.52 14.53 15.53
N SER A 64 5.72 15.04 14.60
CA SER A 64 4.55 15.82 14.96
C SER A 64 3.42 14.92 15.43
N ASN A 65 2.56 15.46 16.28
CA ASN A 65 1.30 14.78 16.63
C ASN A 65 0.33 14.92 15.47
N ASP A 66 -0.28 13.81 15.08
CA ASP A 66 -1.27 13.83 14.02
C ASP A 66 -2.62 14.23 14.60
N SER A 67 -3.39 14.99 13.83
CA SER A 67 -4.70 15.45 14.28
C SER A 67 -5.60 14.28 14.65
N ILE A 68 -6.27 14.39 15.80
CA ILE A 68 -7.20 13.37 16.23
C ILE A 68 -8.45 13.36 15.36
N TYR A 69 -8.60 14.40 14.53
CA TYR A 69 -9.76 14.53 13.66
C TYR A 69 -9.53 13.89 12.30
N ALA A 70 -8.30 13.46 12.03
CA ALA A 70 -7.97 12.82 10.75
C ALA A 70 -7.62 11.35 10.94
N CYS A 71 -7.76 10.83 12.15
CA CYS A 71 -7.57 9.41 12.40
C CYS A 71 -8.67 8.67 11.66
N THR A 72 -8.39 7.41 11.30
CA THR A 72 -9.36 6.60 10.58
C THR A 72 -9.18 5.14 10.92
N ASN A 73 -10.01 4.29 10.32
CA ASN A 73 -9.93 2.87 10.59
C ASN A 73 -10.58 2.03 9.50
N ILE A 74 -10.19 0.76 9.48
CA ILE A 74 -10.86 -0.26 8.68
C ILE A 74 -11.23 -1.36 9.64
N LYS A 75 -12.51 -1.39 10.04
CA LYS A 75 -12.96 -2.25 11.11
C LYS A 75 -12.15 -1.93 12.37
N HIS A 76 -11.59 -2.95 13.02
CA HIS A 76 -10.88 -2.74 14.28
C HIS A 76 -9.40 -2.42 14.07
N LEU A 77 -9.01 -2.18 12.82
CA LEU A 77 -7.66 -1.75 12.49
C LEU A 77 -7.60 -0.23 12.46
N ASP A 78 -6.89 0.37 13.42
CA ASP A 78 -6.89 1.82 13.60
C ASP A 78 -5.63 2.50 13.06
N PHE A 79 -5.84 3.51 12.20
CA PHE A 79 -4.76 4.28 11.63
C PHE A 79 -4.64 5.63 12.32
N ILE A 80 -3.44 5.97 12.77
CA ILE A 80 -3.22 7.22 13.50
C ILE A 80 -3.37 8.42 12.57
N ASN A 81 -3.22 8.17 11.27
CA ASN A 81 -3.53 9.15 10.24
C ASN A 81 -3.86 8.39 8.95
N PRO A 82 -4.41 9.09 7.94
CA PRO A 82 -4.97 8.37 6.79
C PRO A 82 -4.01 8.12 5.62
N PHE A 83 -2.70 8.25 5.84
CA PHE A 83 -1.73 8.10 4.73
C PHE A 83 -0.68 7.03 4.99
N GLY A 84 -0.59 6.09 4.05
CA GLY A 84 0.43 5.06 4.09
C GLY A 84 1.18 4.98 2.77
N VAL A 85 2.16 4.09 2.71
CA VAL A 85 2.93 3.87 1.49
C VAL A 85 2.48 2.56 0.84
N ALA A 86 2.22 2.62 -0.46
CA ALA A 86 1.68 1.49 -1.20
C ALA A 86 2.71 0.37 -1.37
N ALA A 87 2.23 -0.80 -1.78
CA ALA A 87 3.09 -1.93 -2.08
C ALA A 87 4.00 -1.62 -3.25
N GLY A 88 5.13 -2.30 -3.32
CA GLY A 88 6.08 -2.09 -4.40
C GLY A 88 7.17 -1.07 -4.08
N PHE A 89 6.96 -0.30 -3.01
CA PHE A 89 7.91 0.74 -2.64
C PHE A 89 9.07 0.13 -1.86
N ASP A 90 8.75 -0.60 -0.81
CA ASP A 90 9.73 -1.38 -0.06
C ASP A 90 9.33 -2.85 -0.13
N LYS A 91 9.62 -3.46 -1.27
CA LYS A 91 9.20 -4.83 -1.56
C LYS A 91 9.72 -5.84 -0.53
N ASN A 92 10.95 -5.62 -0.07
CA ASN A 92 11.62 -6.60 0.79
C ASN A 92 11.68 -6.19 2.26
N GLY A 93 10.97 -5.13 2.62
CA GLY A 93 10.90 -4.68 3.99
C GLY A 93 12.25 -4.33 4.60
N VAL A 94 13.10 -3.67 3.81
CA VAL A 94 14.44 -3.32 4.27
C VAL A 94 14.51 -1.91 4.87
N CYS A 95 13.42 -1.16 4.77
CA CYS A 95 13.41 0.25 5.11
C CYS A 95 12.12 0.68 5.79
N ILE A 96 11.54 -0.22 6.59
CA ILE A 96 10.23 0.01 7.17
C ILE A 96 10.24 1.15 8.20
N ASP A 97 11.20 1.13 9.13
CA ASP A 97 11.25 2.13 10.19
C ASP A 97 11.29 3.55 9.63
N SER A 98 12.23 3.78 8.73
CA SER A 98 12.52 5.12 8.24
C SER A 98 11.41 5.70 7.39
N ILE A 99 10.79 4.86 6.56
CA ILE A 99 9.68 5.31 5.72
C ILE A 99 8.48 5.69 6.59
N LEU A 100 8.19 4.86 7.59
CA LEU A 100 7.09 5.16 8.51
C LEU A 100 7.33 6.47 9.25
N LYS A 101 8.58 6.69 9.67
CA LYS A 101 8.91 7.85 10.47
C LYS A 101 8.97 9.14 9.65
N LEU A 102 8.76 9.03 8.34
CA LEU A 102 8.59 10.22 7.50
C LEU A 102 7.23 10.87 7.75
N GLY A 103 6.36 10.16 8.47
CA GLY A 103 5.05 10.69 8.86
C GLY A 103 3.87 9.85 8.41
N PHE A 104 4.14 8.64 7.93
CA PHE A 104 3.08 7.75 7.48
C PHE A 104 2.55 6.89 8.62
N SER A 105 1.27 6.56 8.56
CA SER A 105 0.64 5.73 9.59
C SER A 105 0.85 4.25 9.31
N PHE A 106 1.07 3.90 8.05
CA PHE A 106 1.29 2.50 7.70
C PHE A 106 2.06 2.33 6.39
N ILE A 107 2.57 1.12 6.19
CA ILE A 107 3.24 0.75 4.95
C ILE A 107 2.83 -0.66 4.57
N GLU A 108 2.72 -0.89 3.27
CA GLU A 108 2.39 -2.20 2.73
C GLU A 108 3.63 -2.73 2.02
N ILE A 109 4.33 -3.68 2.64
CA ILE A 109 5.52 -4.23 2.02
C ILE A 109 5.10 -5.34 1.05
N GLY A 110 6.07 -5.82 0.26
CA GLY A 110 5.75 -6.71 -0.84
C GLY A 110 5.51 -5.91 -2.11
N THR A 111 4.92 -6.51 -3.13
CA THR A 111 4.43 -7.89 -3.11
C THR A 111 5.57 -8.91 -3.01
N ILE A 112 5.41 -9.86 -2.10
CA ILE A 112 6.36 -10.95 -1.95
C ILE A 112 5.80 -12.23 -2.56
N THR A 113 6.70 -13.12 -2.93
CA THR A 113 6.35 -14.44 -3.44
C THR A 113 7.09 -15.47 -2.58
N PRO A 114 6.63 -16.73 -2.60
CA PRO A 114 7.27 -17.75 -1.77
C PRO A 114 8.78 -17.86 -2.02
N ARG A 115 9.17 -17.87 -3.29
CA ARG A 115 10.57 -17.90 -3.67
C ARG A 115 10.98 -16.56 -4.24
N GLY A 116 12.25 -16.22 -4.08
CA GLY A 116 12.79 -14.99 -4.65
C GLY A 116 12.66 -15.00 -6.16
N GLN A 117 12.41 -13.81 -6.73
CA GLN A 117 12.36 -13.65 -8.18
C GLN A 117 13.23 -12.47 -8.59
N THR A 118 13.90 -12.62 -9.73
CA THR A 118 14.76 -11.56 -10.27
C THR A 118 13.91 -10.43 -10.84
N GLY A 119 12.78 -10.77 -11.43
CA GLY A 119 11.97 -9.80 -12.15
C GLY A 119 12.48 -9.66 -13.57
N ASN A 120 11.91 -8.72 -14.32
CA ASN A 120 12.24 -8.56 -15.72
C ASN A 120 13.57 -7.82 -15.93
N ALA A 121 13.99 -7.76 -17.19
CA ALA A 121 15.26 -7.12 -17.56
C ALA A 121 15.26 -5.63 -17.25
N LYS A 122 16.38 -5.14 -16.73
CA LYS A 122 16.55 -3.72 -16.44
C LYS A 122 17.06 -2.98 -17.68
N PRO A 123 16.75 -1.67 -17.79
CA PRO A 123 15.93 -0.89 -16.87
C PRO A 123 14.44 -1.16 -17.08
N ARG A 124 13.67 -1.17 -15.99
CA ARG A 124 12.28 -1.61 -16.02
C ARG A 124 11.34 -0.61 -15.36
N ILE A 125 11.86 0.56 -14.99
CA ILE A 125 11.03 1.64 -14.46
C ILE A 125 11.42 2.97 -15.09
N PHE A 126 10.43 3.75 -15.48
CA PHE A 126 10.67 5.04 -16.14
C PHE A 126 9.70 6.10 -15.62
N ARG A 127 10.21 7.32 -15.49
CA ARG A 127 9.42 8.43 -14.95
C ARG A 127 9.27 9.55 -15.96
N ASP A 128 8.12 10.22 -15.89
CA ASP A 128 7.88 11.42 -16.68
C ASP A 128 7.49 12.56 -15.75
N VAL A 129 8.44 13.46 -15.50
CA VAL A 129 8.27 14.52 -14.51
C VAL A 129 7.14 15.46 -14.90
N GLU A 130 7.02 15.76 -16.19
CA GLU A 130 5.99 16.68 -16.68
C GLU A 130 4.58 16.23 -16.29
N SER A 131 4.29 14.95 -16.50
CA SER A 131 2.96 14.40 -16.21
C SER A 131 2.90 13.77 -14.83
N ARG A 132 4.00 13.84 -14.08
CA ARG A 132 4.07 13.23 -12.75
C ARG A 132 3.60 11.77 -12.78
N SER A 133 4.10 11.03 -13.77
CA SER A 133 3.67 9.66 -13.98
C SER A 133 4.86 8.71 -14.08
N ILE A 134 4.60 7.45 -13.79
CA ILE A 134 5.60 6.41 -13.79
C ILE A 134 5.07 5.22 -14.55
N ILE A 135 5.94 4.52 -15.27
CA ILE A 135 5.58 3.24 -15.86
C ILE A 135 6.62 2.21 -15.45
N ASN A 136 6.16 1.00 -15.12
CA ASN A 136 7.06 -0.05 -14.68
C ASN A 136 6.67 -1.42 -15.20
N SER A 137 7.68 -2.27 -15.38
CA SER A 137 7.49 -3.67 -15.68
C SER A 137 8.48 -4.48 -14.84
N CYS A 138 8.40 -4.31 -13.53
CA CYS A 138 9.36 -4.91 -12.61
C CYS A 138 9.31 -6.44 -12.67
N GLY A 139 8.11 -6.99 -12.70
CA GLY A 139 7.93 -8.43 -12.79
C GLY A 139 8.03 -9.12 -11.43
N PHE A 140 7.57 -8.42 -10.39
CA PHE A 140 7.52 -8.97 -9.04
C PHE A 140 8.87 -9.49 -8.55
N ASN A 141 9.89 -8.65 -8.69
CA ASN A 141 11.19 -8.90 -8.08
C ASN A 141 11.07 -8.78 -6.57
N ASN A 142 11.61 -9.77 -5.84
CA ASN A 142 11.64 -9.71 -4.39
C ASN A 142 12.54 -10.82 -3.85
N MET A 143 13.00 -10.66 -2.62
CA MET A 143 13.97 -11.60 -2.03
C MET A 143 13.33 -12.91 -1.61
N GLY A 144 12.01 -13.02 -1.74
CA GLY A 144 11.30 -14.22 -1.35
C GLY A 144 10.79 -14.15 0.07
N CYS A 145 9.77 -14.95 0.36
CA CYS A 145 9.07 -14.89 1.64
C CYS A 145 9.97 -15.12 2.85
N ASP A 146 10.91 -16.06 2.75
CA ASP A 146 11.79 -16.38 3.87
C ASP A 146 12.64 -15.19 4.32
N LYS A 147 13.28 -14.53 3.37
CA LYS A 147 14.14 -13.40 3.70
C LYS A 147 13.35 -12.20 4.20
N VAL A 148 12.21 -11.93 3.55
CA VAL A 148 11.38 -10.79 3.91
C VAL A 148 10.74 -11.00 5.28
N THR A 149 10.39 -12.24 5.61
CA THR A 149 9.85 -12.55 6.91
C THR A 149 10.87 -12.20 8.00
N GLU A 150 12.13 -12.58 7.78
CA GLU A 150 13.19 -12.26 8.74
C GLU A 150 13.38 -10.76 8.85
N ASN A 151 13.24 -10.04 7.74
CA ASN A 151 13.34 -8.59 7.76
C ASN A 151 12.22 -7.98 8.59
N LEU A 152 11.01 -8.49 8.42
CA LEU A 152 9.86 -7.97 9.15
C LEU A 152 9.95 -8.31 10.64
N ILE A 153 10.48 -9.50 10.94
CA ILE A 153 10.66 -9.92 12.32
C ILE A 153 11.61 -8.95 13.04
N LEU A 154 12.70 -8.60 12.39
CA LEU A 154 13.66 -7.67 12.96
C LEU A 154 13.03 -6.30 13.18
N PHE A 155 12.19 -5.88 12.24
CA PHE A 155 11.47 -4.62 12.41
C PHE A 155 10.58 -4.66 13.64
N ARG A 156 9.85 -5.77 13.81
CA ARG A 156 8.91 -5.89 14.92
C ARG A 156 9.66 -5.83 16.24
N LYS A 157 10.87 -6.37 16.28
CA LYS A 157 11.70 -6.31 17.48
C LYS A 157 12.15 -4.88 17.75
N ARG A 158 12.57 -4.18 16.70
CA ARG A 158 12.96 -2.78 16.83
C ARG A 158 11.76 -1.93 17.25
N GLN A 159 10.59 -2.26 16.72
CA GLN A 159 9.38 -1.51 17.02
C GLN A 159 9.05 -1.52 18.50
N GLU A 160 9.37 -2.61 19.19
CA GLU A 160 9.13 -2.72 20.63
C GLU A 160 9.88 -1.65 21.40
N GLU A 161 10.96 -1.14 20.81
CA GLU A 161 11.90 -0.26 21.50
C GLU A 161 11.86 1.17 20.99
N ASP A 162 11.16 1.39 19.88
CA ASP A 162 11.15 2.69 19.21
C ASP A 162 9.82 3.41 19.41
N LYS A 163 9.88 4.53 20.15
CA LYS A 163 8.70 5.36 20.43
C LYS A 163 7.90 5.72 19.17
N LEU A 164 8.62 6.09 18.12
CA LEU A 164 8.01 6.66 16.94
C LEU A 164 7.34 5.61 16.04
N LEU A 165 7.51 4.34 16.39
CA LEU A 165 6.92 3.24 15.62
C LEU A 165 5.67 2.67 16.32
N SER A 166 5.39 3.18 17.50
CA SER A 166 4.21 2.74 18.24
C SER A 166 2.94 2.97 17.43
N LYS A 167 2.07 1.96 17.42
CA LYS A 167 0.77 2.03 16.74
C LYS A 167 0.87 2.20 15.22
N HIS A 168 2.07 2.08 14.67
CA HIS A 168 2.23 2.12 13.22
C HIS A 168 1.95 0.71 12.66
N ILE A 169 1.33 0.67 11.49
CA ILE A 169 0.81 -0.57 10.93
C ILE A 169 1.64 -1.03 9.74
N VAL A 170 1.89 -2.33 9.68
CA VAL A 170 2.58 -2.94 8.54
C VAL A 170 1.73 -4.03 7.94
N GLY A 171 1.34 -3.83 6.69
CA GLY A 171 0.65 -4.85 5.92
C GLY A 171 1.62 -5.55 5.00
N VAL A 172 1.26 -6.77 4.58
CA VAL A 172 2.10 -7.54 3.66
C VAL A 172 1.30 -7.94 2.43
N SER A 173 1.75 -7.44 1.28
CA SER A 173 1.18 -7.85 0.01
C SER A 173 1.80 -9.18 -0.42
N ILE A 174 0.95 -10.16 -0.72
CA ILE A 174 1.42 -11.48 -1.11
C ILE A 174 0.91 -11.84 -2.50
N GLY A 175 1.72 -12.58 -3.25
CA GLY A 175 1.38 -12.97 -4.60
C GLY A 175 1.95 -14.34 -4.96
N LYS A 176 1.62 -14.79 -6.17
CA LYS A 176 2.08 -16.09 -6.65
C LYS A 176 3.41 -15.95 -7.37
N ASN A 177 4.21 -17.02 -7.35
CA ASN A 177 5.43 -17.06 -8.16
C ASN A 177 5.07 -17.06 -9.64
N LYS A 178 6.01 -16.64 -10.47
CA LYS A 178 5.78 -16.45 -11.90
C LYS A 178 5.24 -17.71 -12.59
N ASP A 179 5.80 -18.86 -12.23
CA ASP A 179 5.48 -20.13 -12.88
C ASP A 179 4.93 -21.15 -11.89
N THR A 180 3.90 -20.74 -11.13
CA THR A 180 3.41 -21.55 -10.04
C THR A 180 2.43 -22.65 -10.48
N VAL A 181 2.48 -23.76 -9.75
CA VAL A 181 1.56 -24.88 -9.96
C VAL A 181 0.20 -24.59 -9.35
N ASN A 182 0.20 -23.89 -8.21
CA ASN A 182 -1.02 -23.66 -7.46
C ASN A 182 -0.97 -22.34 -6.70
N ILE A 183 -1.76 -21.37 -7.17
CA ILE A 183 -1.79 -20.03 -6.59
C ILE A 183 -2.13 -20.07 -5.11
N VAL A 184 -3.16 -20.84 -4.75
CA VAL A 184 -3.65 -20.91 -3.38
C VAL A 184 -2.56 -21.33 -2.40
N ASP A 185 -1.74 -22.30 -2.80
CA ASP A 185 -0.70 -22.82 -1.91
C ASP A 185 0.55 -21.95 -1.92
N ASP A 186 0.65 -21.04 -2.88
CA ASP A 186 1.68 -20.01 -2.86
C ASP A 186 1.35 -18.99 -1.78
N LEU A 187 0.10 -18.54 -1.76
CA LEU A 187 -0.36 -17.61 -0.75
C LEU A 187 -0.35 -18.25 0.63
N LYS A 188 -0.74 -19.52 0.69
CA LYS A 188 -0.73 -20.27 1.94
C LYS A 188 0.66 -20.33 2.55
N TYR A 189 1.66 -20.58 1.70
CA TYR A 189 3.04 -20.65 2.16
C TYR A 189 3.47 -19.34 2.79
N CYS A 190 3.12 -18.23 2.15
CA CYS A 190 3.48 -16.91 2.65
C CYS A 190 2.81 -16.63 3.98
N ILE A 191 1.51 -16.93 4.06
CA ILE A 191 0.73 -16.67 5.27
C ILE A 191 1.28 -17.43 6.46
N ASN A 192 1.67 -18.69 6.26
CA ASN A 192 2.21 -19.51 7.33
CA ASN A 192 2.21 -19.51 7.33
C ASN A 192 3.57 -18.99 7.79
N LYS A 193 4.29 -18.33 6.89
CA LYS A 193 5.60 -17.80 7.20
C LYS A 193 5.54 -16.42 7.88
N ILE A 194 4.80 -15.49 7.28
CA ILE A 194 4.88 -14.09 7.67
C ILE A 194 3.60 -13.57 8.35
N GLY A 195 2.55 -14.36 8.33
CA GLY A 195 1.25 -13.94 8.84
C GLY A 195 1.25 -13.48 10.29
N ARG A 196 2.09 -14.11 11.11
CA ARG A 196 2.16 -13.79 12.53
C ARG A 196 2.65 -12.36 12.78
N TYR A 197 3.31 -11.77 11.78
CA TYR A 197 3.97 -10.48 11.94
C TYR A 197 3.30 -9.38 11.13
N ALA A 198 2.18 -9.71 10.51
CA ALA A 198 1.45 -8.78 9.67
C ALA A 198 0.17 -8.28 10.36
N ASP A 199 -0.11 -7.00 10.20
CA ASP A 199 -1.36 -6.42 10.70
C ASP A 199 -2.47 -6.66 9.69
N TYR A 200 -2.11 -6.79 8.41
CA TYR A 200 -3.06 -7.21 7.39
C TYR A 200 -2.33 -7.83 6.20
N ILE A 201 -3.08 -8.61 5.44
CA ILE A 201 -2.58 -9.28 4.24
C ILE A 201 -3.31 -8.71 3.02
N ALA A 202 -2.54 -8.31 2.01
CA ALA A 202 -3.12 -7.85 0.75
C ALA A 202 -2.91 -8.89 -0.34
N ILE A 203 -4.01 -9.41 -0.88
CA ILE A 203 -3.95 -10.36 -1.98
C ILE A 203 -3.75 -9.60 -3.28
N ASN A 204 -2.68 -9.94 -4.00
CA ASN A 204 -2.37 -9.30 -5.27
C ASN A 204 -2.23 -10.33 -6.40
N VAL A 205 -3.35 -10.61 -7.07
CA VAL A 205 -3.37 -11.59 -8.16
C VAL A 205 -4.06 -11.01 -9.39
N GLU A 218 -11.09 -14.38 -12.77
CA GLU A 218 -12.41 -15.01 -12.69
C GLU A 218 -12.96 -14.92 -11.28
N ALA A 219 -14.24 -14.58 -11.18
CA ALA A 219 -14.90 -14.36 -9.90
C ALA A 219 -14.90 -15.60 -9.02
N GLY A 220 -15.17 -16.75 -9.62
CA GLY A 220 -15.19 -18.01 -8.89
C GLY A 220 -13.81 -18.39 -8.38
N LYS A 221 -12.79 -18.09 -9.18
CA LYS A 221 -11.41 -18.34 -8.80
C LYS A 221 -11.01 -17.46 -7.63
N LEU A 222 -11.43 -16.19 -7.71
CA LEU A 222 -11.12 -15.23 -6.66
C LEU A 222 -11.73 -15.64 -5.33
N LYS A 223 -13.00 -16.08 -5.39
CA LYS A 223 -13.71 -16.53 -4.21
C LYS A 223 -12.93 -17.63 -3.50
N ASN A 224 -12.41 -18.57 -4.28
CA ASN A 224 -11.62 -19.66 -3.74
C ASN A 224 -10.34 -19.18 -3.08
N ILE A 225 -9.67 -18.23 -3.73
CA ILE A 225 -8.44 -17.65 -3.22
C ILE A 225 -8.69 -16.94 -1.89
N ILE A 226 -9.72 -16.10 -1.86
CA ILE A 226 -10.03 -15.30 -0.68
C ILE A 226 -10.35 -16.18 0.52
N LEU A 227 -11.14 -17.24 0.30
CA LEU A 227 -11.57 -18.09 1.39
C LEU A 227 -10.42 -18.96 1.91
N SER A 228 -9.52 -19.36 1.02
CA SER A 228 -8.37 -20.16 1.43
C SER A 228 -7.43 -19.31 2.28
N VAL A 229 -7.29 -18.04 1.94
CA VAL A 229 -6.46 -17.11 2.70
C VAL A 229 -7.04 -16.92 4.10
N LYS A 230 -8.35 -16.67 4.17
CA LYS A 230 -9.03 -16.51 5.44
C LYS A 230 -8.89 -17.76 6.30
N GLU A 231 -9.00 -18.92 5.65
CA GLU A 231 -8.90 -20.21 6.35
C GLU A 231 -7.51 -20.43 6.94
N GLU A 232 -6.47 -20.11 6.17
CA GLU A 232 -5.11 -20.36 6.59
C GLU A 232 -4.67 -19.38 7.69
N ILE A 233 -5.26 -18.19 7.69
CA ILE A 233 -5.03 -17.24 8.76
C ILE A 233 -5.72 -17.73 10.03
N ASP A 234 -6.90 -18.31 9.86
CA ASP A 234 -7.63 -18.88 10.99
C ASP A 234 -6.89 -20.06 11.59
N ASN A 235 -6.16 -20.78 10.74
CA ASN A 235 -5.40 -21.95 11.19
C ASN A 235 -4.17 -21.59 12.01
N LEU A 236 -3.59 -20.42 11.76
CA LEU A 236 -2.47 -19.95 12.56
C LEU A 236 -2.91 -19.81 14.02
N GLU A 237 -4.12 -19.29 14.20
CA GLU A 237 -4.70 -19.13 15.53
C GLU A 237 -4.87 -20.48 16.22
N LYS A 238 -5.40 -21.45 15.48
CA LYS A 238 -5.67 -22.79 16.03
C LYS A 238 -4.39 -23.49 16.47
N ASN A 239 -3.45 -23.65 15.54
CA ASN A 239 -2.28 -24.49 15.75
C ASN A 239 -1.20 -23.88 16.66
N ASN A 240 -1.53 -22.76 17.31
CA ASN A 240 -0.64 -22.18 18.30
C ASN A 240 -1.25 -22.29 19.70
N ILE A 241 -0.42 -22.71 20.66
CA ILE A 241 -0.90 -22.90 22.03
C ILE A 241 -0.82 -21.60 22.85
N MET A 242 -0.17 -20.58 22.30
CA MET A 242 0.01 -19.32 23.02
C MET A 242 -1.25 -18.47 22.97
N ASN A 243 -1.46 -17.68 24.02
CA ASN A 243 -2.45 -16.62 23.97
C ASN A 243 -2.04 -15.61 22.90
N ASP A 244 -3.01 -14.83 22.43
CA ASP A 244 -2.78 -13.92 21.30
C ASP A 244 -1.66 -12.91 21.54
N GLU A 245 -1.56 -12.41 22.76
CA GLU A 245 -0.52 -11.45 23.12
C GLU A 245 0.88 -11.97 22.77
N PHE A 246 1.03 -13.30 22.76
CA PHE A 246 2.32 -13.93 22.50
C PHE A 246 2.30 -14.76 21.23
N LEU A 247 1.26 -14.57 20.41
CA LEU A 247 1.13 -15.27 19.14
C LEU A 247 1.27 -14.29 17.99
N TRP A 248 0.50 -13.21 18.03
CA TRP A 248 0.55 -12.18 17.01
C TRP A 248 1.62 -11.15 17.37
N PHE A 249 2.79 -11.30 16.77
CA PHE A 249 3.90 -10.38 16.99
C PHE A 249 3.81 -9.24 16.00
N ASN A 250 2.68 -8.53 16.05
CA ASN A 250 2.42 -7.41 15.17
C ASN A 250 1.98 -6.20 16.00
N THR A 251 1.28 -5.25 15.38
CA THR A 251 0.85 -4.04 16.08
C THR A 251 -0.50 -4.25 16.77
N THR A 252 -1.43 -4.89 16.06
CA THR A 252 -2.78 -5.08 16.56
C THR A 252 -2.87 -6.12 17.67
N LYS A 253 -1.91 -7.04 17.70
CA LYS A 253 -1.97 -8.20 18.59
C LYS A 253 -3.22 -9.02 18.29
N LYS A 254 -3.66 -8.95 17.04
CA LYS A 254 -4.80 -9.71 16.55
C LYS A 254 -4.44 -10.31 15.19
N LYS A 255 -5.27 -11.22 14.70
CA LYS A 255 -5.00 -11.87 13.42
C LYS A 255 -5.06 -10.82 12.29
N PRO A 256 -4.21 -10.97 11.26
CA PRO A 256 -4.20 -9.98 10.18
C PRO A 256 -5.52 -9.93 9.40
N LEU A 257 -5.96 -8.72 9.05
CA LEU A 257 -7.13 -8.58 8.19
C LEU A 257 -6.76 -9.00 6.77
N VAL A 258 -7.76 -9.21 5.93
CA VAL A 258 -7.53 -9.60 4.55
C VAL A 258 -8.12 -8.56 3.60
N PHE A 259 -7.23 -7.90 2.85
CA PHE A 259 -7.65 -7.00 1.79
C PHE A 259 -7.37 -7.65 0.43
N VAL A 260 -8.02 -7.16 -0.61
CA VAL A 260 -7.70 -7.54 -1.98
C VAL A 260 -7.44 -6.29 -2.81
N LYS A 261 -6.40 -6.32 -3.62
CA LYS A 261 -6.07 -5.19 -4.49
C LYS A 261 -6.55 -5.47 -5.91
N LEU A 262 -7.27 -4.49 -6.48
CA LEU A 262 -7.87 -4.65 -7.79
C LEU A 262 -7.17 -3.81 -8.85
N ALA A 263 -6.97 -4.40 -10.02
CA ALA A 263 -6.48 -3.64 -11.17
C ALA A 263 -7.66 -2.89 -11.80
N PRO A 264 -7.41 -1.68 -12.33
CA PRO A 264 -8.52 -0.86 -12.83
C PRO A 264 -9.02 -1.26 -14.22
N ASP A 265 -8.25 -2.08 -14.92
CA ASP A 265 -8.58 -2.46 -16.30
C ASP A 265 -9.55 -3.63 -16.34
N LEU A 266 -10.80 -3.36 -15.93
CA LEU A 266 -11.87 -4.34 -15.97
C LEU A 266 -13.12 -3.72 -16.58
N ASN A 267 -13.99 -4.54 -17.15
CA ASN A 267 -15.29 -4.07 -17.63
C ASN A 267 -16.28 -3.99 -16.47
N GLN A 268 -17.44 -3.38 -16.73
CA GLN A 268 -18.43 -3.18 -15.67
C GLN A 268 -18.95 -4.50 -15.11
N GLU A 269 -19.02 -5.52 -15.95
CA GLU A 269 -19.52 -6.83 -15.52
C GLU A 269 -18.54 -7.50 -14.57
N GLN A 270 -17.26 -7.44 -14.90
CA GLN A 270 -16.21 -8.01 -14.07
C GLN A 270 -16.22 -7.36 -12.69
N LYS A 271 -16.44 -6.05 -12.66
CA LYS A 271 -16.50 -5.30 -11.41
C LYS A 271 -17.70 -5.74 -10.56
N LYS A 272 -18.85 -5.93 -11.21
CA LYS A 272 -20.04 -6.41 -10.51
C LYS A 272 -19.81 -7.82 -9.96
N GLU A 273 -19.24 -8.69 -10.80
CA GLU A 273 -18.96 -10.06 -10.39
C GLU A 273 -18.00 -10.11 -9.20
N ILE A 274 -16.94 -9.31 -9.29
CA ILE A 274 -15.96 -9.22 -8.21
C ILE A 274 -16.64 -8.71 -6.95
N ALA A 275 -17.42 -7.65 -7.08
CA ALA A 275 -18.13 -7.05 -5.95
C ALA A 275 -18.93 -8.08 -5.16
N ASP A 276 -19.67 -8.93 -5.87
CA ASP A 276 -20.47 -9.96 -5.22
C ASP A 276 -19.60 -10.94 -4.45
N VAL A 277 -18.47 -11.32 -5.04
CA VAL A 277 -17.53 -12.23 -4.40
C VAL A 277 -17.01 -11.63 -3.10
N LEU A 278 -16.64 -10.35 -3.14
CA LEU A 278 -16.12 -9.68 -1.97
C LEU A 278 -17.14 -9.64 -0.84
N LEU A 279 -18.42 -9.61 -1.21
CA LEU A 279 -19.50 -9.63 -0.24
C LEU A 279 -19.72 -11.02 0.33
N GLU A 280 -19.76 -12.01 -0.56
CA GLU A 280 -19.93 -13.41 -0.15
C GLU A 280 -18.83 -13.87 0.79
N THR A 281 -17.59 -13.45 0.52
CA THR A 281 -16.44 -13.90 1.29
C THR A 281 -16.22 -13.08 2.56
N ASN A 282 -16.94 -11.98 2.71
CA ASN A 282 -16.82 -11.13 3.88
C ASN A 282 -15.39 -10.62 4.05
N ILE A 283 -14.80 -10.15 2.96
CA ILE A 283 -13.42 -9.66 2.97
C ILE A 283 -13.36 -8.35 3.74
N ASP A 284 -12.23 -8.08 4.38
CA ASP A 284 -12.13 -6.97 5.33
C ASP A 284 -11.95 -5.60 4.66
N GLY A 285 -11.52 -5.61 3.41
CA GLY A 285 -11.30 -4.36 2.69
C GLY A 285 -10.83 -4.61 1.27
N MET A 286 -10.76 -3.55 0.47
CA MET A 286 -10.26 -3.67 -0.90
C MET A 286 -9.42 -2.45 -1.28
N ILE A 287 -8.28 -2.71 -1.91
CA ILE A 287 -7.35 -1.66 -2.29
C ILE A 287 -7.60 -1.27 -3.75
N ILE A 288 -7.98 -0.02 -3.96
CA ILE A 288 -8.34 0.49 -5.28
C ILE A 288 -7.48 1.72 -5.59
N SER A 289 -6.51 1.62 -6.52
CA SER A 289 -6.28 0.46 -7.37
C SER A 289 -4.80 0.30 -7.73
N ASN A 290 -4.51 -0.74 -8.51
CA ASN A 290 -3.18 -0.97 -9.05
C ASN A 290 -2.97 -0.12 -10.29
N THR A 291 -1.84 -0.32 -10.97
CA THR A 291 -1.51 0.47 -12.15
C THR A 291 -2.41 0.11 -13.34
N THR A 292 -2.38 0.96 -14.37
CA THR A 292 -3.24 0.78 -15.54
C THR A 292 -2.42 0.65 -16.82
N THR A 293 -3.03 0.08 -17.85
CA THR A 293 -2.38 -0.11 -19.15
C THR A 293 -3.09 0.66 -20.27
N GLN A 294 -4.07 1.49 -19.91
CA GLN A 294 -4.87 2.19 -20.90
C GLN A 294 -4.52 3.69 -20.99
N ILE A 295 -3.33 4.05 -20.51
CA ILE A 295 -2.78 5.38 -20.74
C ILE A 295 -1.83 5.31 -21.93
N ASN A 296 -2.03 6.19 -22.90
CA ASN A 296 -1.24 6.19 -24.12
C ASN A 296 -0.93 7.60 -24.64
N ASP A 297 -1.18 8.60 -23.79
CA ASP A 297 -0.93 9.99 -24.16
C ASP A 297 0.31 10.55 -23.46
N ILE A 298 1.22 9.67 -23.06
CA ILE A 298 2.52 10.07 -22.55
C ILE A 298 3.59 9.68 -23.56
N LYS A 299 4.24 10.69 -24.15
CA LYS A 299 5.16 10.47 -25.26
C LYS A 299 6.38 9.66 -24.89
N SER A 300 6.98 9.97 -23.75
CA SER A 300 8.22 9.32 -23.33
C SER A 300 8.02 7.84 -23.02
N PHE A 301 6.75 7.44 -22.85
CA PHE A 301 6.40 6.05 -22.56
C PHE A 301 5.87 5.30 -23.78
N GLU A 302 5.91 5.95 -24.94
CA GLU A 302 5.20 5.42 -26.11
C GLU A 302 5.67 4.02 -26.52
N ASN A 303 6.97 3.75 -26.37
CA ASN A 303 7.53 2.45 -26.71
C ASN A 303 7.85 1.61 -25.48
N LYS A 304 7.22 1.95 -24.36
CA LYS A 304 7.44 1.24 -23.10
C LYS A 304 6.27 0.32 -22.75
N LYS A 305 6.57 -0.82 -22.14
CA LYS A 305 5.57 -1.76 -21.69
C LYS A 305 5.50 -1.75 -20.16
N GLY A 306 4.31 -2.00 -19.63
CA GLY A 306 4.11 -2.03 -18.20
C GLY A 306 2.86 -1.30 -17.75
N GLY A 307 2.75 -1.10 -16.44
CA GLY A 307 1.60 -0.43 -15.86
C GLY A 307 1.94 0.99 -15.42
N VAL A 308 1.03 1.91 -15.68
CA VAL A 308 1.24 3.31 -15.36
C VAL A 308 0.61 3.70 -14.02
N SER A 309 1.35 4.46 -13.24
CA SER A 309 0.84 5.09 -12.02
C SER A 309 1.13 6.58 -12.06
N GLY A 310 0.59 7.32 -11.11
CA GLY A 310 0.82 8.75 -11.01
C GLY A 310 -0.43 9.56 -11.31
N ALA A 311 -0.22 10.82 -11.70
CA ALA A 311 -1.32 11.75 -11.92
C ALA A 311 -2.26 11.27 -13.01
N LYS A 312 -1.72 10.61 -14.03
CA LYS A 312 -2.52 10.14 -15.15
C LYS A 312 -3.39 8.92 -14.79
N LEU A 313 -3.26 8.44 -13.56
CA LEU A 313 -4.07 7.33 -13.06
C LEU A 313 -5.14 7.81 -12.09
N LYS A 314 -5.02 9.05 -11.64
CA LYS A 314 -5.87 9.59 -10.57
C LYS A 314 -7.36 9.48 -10.88
N ASP A 315 -7.78 10.03 -12.01
CA ASP A 315 -9.20 10.04 -12.36
C ASP A 315 -9.75 8.63 -12.55
N ILE A 316 -8.97 7.78 -13.18
CA ILE A 316 -9.38 6.40 -13.42
C ILE A 316 -9.63 5.66 -12.12
N SER A 317 -8.70 5.78 -11.19
CA SER A 317 -8.80 5.06 -9.93
C SER A 317 -9.93 5.62 -9.07
N THR A 318 -10.15 6.92 -9.14
CA THR A 318 -11.21 7.55 -8.36
C THR A 318 -12.59 7.07 -8.82
N LYS A 319 -12.78 7.01 -10.14
CA LYS A 319 -14.03 6.50 -10.69
C LYS A 319 -14.24 5.06 -10.26
N PHE A 320 -13.15 4.30 -10.20
CA PHE A 320 -13.20 2.89 -9.83
C PHE A 320 -13.66 2.74 -8.38
N ILE A 321 -13.26 3.68 -7.53
CA ILE A 321 -13.67 3.66 -6.13
C ILE A 321 -15.17 3.84 -6.01
N CYS A 322 -15.71 4.85 -6.69
CA CYS A 322 -17.16 5.11 -6.68
C CYS A 322 -17.94 3.88 -7.10
N GLU A 323 -17.47 3.20 -8.13
CA GLU A 323 -18.15 2.05 -8.69
C GLU A 323 -18.23 0.88 -7.72
N MET A 324 -17.08 0.51 -7.14
CA MET A 324 -17.03 -0.62 -6.23
C MET A 324 -17.68 -0.27 -4.89
N TYR A 325 -17.67 1.01 -4.54
CA TYR A 325 -18.36 1.49 -3.36
C TYR A 325 -19.87 1.31 -3.53
N ASN A 326 -20.35 1.52 -4.75
CA ASN A 326 -21.76 1.29 -5.08
C ASN A 326 -22.10 -0.19 -5.14
N TYR A 327 -21.33 -0.94 -5.92
CA TYR A 327 -21.61 -2.35 -6.18
C TYR A 327 -21.56 -3.18 -4.89
N THR A 328 -20.77 -2.74 -3.92
CA THR A 328 -20.67 -3.44 -2.64
C THR A 328 -21.61 -2.85 -1.59
N ASN A 329 -22.41 -1.87 -2.03
CA ASN A 329 -23.34 -1.17 -1.14
C ASN A 329 -22.66 -0.64 0.13
N LYS A 330 -21.41 -0.21 -0.02
CA LYS A 330 -20.70 0.49 1.04
C LYS A 330 -20.42 -0.39 2.26
N GLN A 331 -20.40 -1.70 2.05
CA GLN A 331 -20.15 -2.65 3.12
C GLN A 331 -18.70 -3.10 3.20
N ILE A 332 -17.89 -2.65 2.23
CA ILE A 332 -16.48 -3.02 2.16
C ILE A 332 -15.61 -1.76 2.24
N PRO A 333 -14.80 -1.64 3.32
CA PRO A 333 -13.89 -0.49 3.39
C PRO A 333 -12.89 -0.46 2.24
N ILE A 334 -12.51 0.73 1.82
CA ILE A 334 -11.65 0.91 0.66
C ILE A 334 -10.35 1.62 1.02
N ILE A 335 -9.23 1.08 0.52
CA ILE A 335 -7.93 1.73 0.60
C ILE A 335 -7.62 2.34 -0.76
N ALA A 336 -7.50 3.67 -0.81
CA ALA A 336 -7.31 4.36 -2.08
C ALA A 336 -5.86 4.36 -2.52
N SER A 337 -5.64 4.10 -3.81
CA SER A 337 -4.32 4.16 -4.42
C SER A 337 -4.44 4.58 -5.88
N GLY A 338 -3.73 5.65 -6.24
CA GLY A 338 -3.70 6.11 -7.61
C GLY A 338 -3.75 7.63 -7.75
N GLY A 339 -2.59 8.21 -8.07
CA GLY A 339 -2.51 9.62 -8.40
C GLY A 339 -2.85 10.57 -7.26
N ILE A 340 -2.52 10.18 -6.04
CA ILE A 340 -2.73 11.05 -4.87
C ILE A 340 -1.46 11.83 -4.58
N PHE A 341 -1.55 13.15 -4.69
CA PHE A 341 -0.40 14.04 -4.50
C PHE A 341 -0.66 15.15 -3.48
N SER A 342 -1.93 15.52 -3.33
CA SER A 342 -2.30 16.67 -2.50
C SER A 342 -3.44 16.34 -1.54
N GLY A 343 -3.71 17.25 -0.62
CA GLY A 343 -4.81 17.11 0.30
C GLY A 343 -6.13 17.06 -0.45
N LEU A 344 -6.22 17.82 -1.52
CA LEU A 344 -7.40 17.82 -2.38
C LEU A 344 -7.60 16.44 -3.00
N ASP A 345 -6.54 15.90 -3.60
CA ASP A 345 -6.58 14.57 -4.18
C ASP A 345 -7.09 13.56 -3.17
N ALA A 346 -6.61 13.69 -1.93
CA ALA A 346 -6.97 12.76 -0.87
C ALA A 346 -8.46 12.85 -0.53
N LEU A 347 -8.97 14.06 -0.38
CA LEU A 347 -10.37 14.25 -0.01
C LEU A 347 -11.31 13.75 -1.11
N GLU A 348 -10.85 13.79 -2.35
CA GLU A 348 -11.62 13.23 -3.45
C GLU A 348 -11.78 11.72 -3.28
N LYS A 349 -10.68 11.05 -2.98
CA LYS A 349 -10.69 9.60 -2.76
C LYS A 349 -11.61 9.23 -1.60
N ILE A 350 -11.57 10.05 -0.56
CA ILE A 350 -12.34 9.78 0.66
C ILE A 350 -13.83 10.01 0.39
N GLU A 351 -14.17 11.13 -0.21
CA GLU A 351 -15.56 11.45 -0.52
C GLU A 351 -16.16 10.43 -1.48
N ALA A 352 -15.29 9.73 -2.21
CA ALA A 352 -15.74 8.71 -3.15
C ALA A 352 -16.01 7.38 -2.43
N GLY A 353 -15.35 7.16 -1.29
CA GLY A 353 -15.62 5.97 -0.50
C GLY A 353 -14.42 5.41 0.27
N ALA A 354 -13.24 5.96 0.06
CA ALA A 354 -12.04 5.43 0.70
C ALA A 354 -11.94 5.86 2.17
N SER A 355 -11.37 4.98 2.99
CA SER A 355 -11.16 5.27 4.40
C SER A 355 -9.71 5.64 4.68
N VAL A 356 -8.80 5.10 3.86
CA VAL A 356 -7.37 5.42 3.95
C VAL A 356 -6.78 5.62 2.56
N CYS A 357 -5.63 6.29 2.50
CA CYS A 357 -4.94 6.56 1.24
C CYS A 357 -3.52 6.01 1.24
N GLN A 358 -3.08 5.51 0.09
CA GLN A 358 -1.70 5.07 -0.10
C GLN A 358 -0.99 5.94 -1.14
N LEU A 359 0.26 6.28 -0.86
CA LEU A 359 1.09 7.04 -1.79
C LEU A 359 2.22 6.19 -2.37
N TYR A 360 2.63 6.51 -3.58
CA TYR A 360 3.86 5.97 -4.16
C TYR A 360 4.51 7.06 -5.02
N SER A 361 3.87 7.40 -6.13
CA SER A 361 4.40 8.40 -7.06
C SER A 361 4.69 9.73 -6.38
N CYS A 362 3.88 10.07 -5.39
CA CYS A 362 4.05 11.33 -4.66
C CYS A 362 5.44 11.43 -4.04
N LEU A 363 5.92 10.34 -3.49
CA LEU A 363 7.23 10.30 -2.86
C LEU A 363 8.35 10.48 -3.87
N VAL A 364 8.12 10.06 -5.10
CA VAL A 364 9.12 10.18 -6.16
C VAL A 364 9.21 11.62 -6.64
N PHE A 365 8.06 12.27 -6.80
CA PHE A 365 8.02 13.62 -7.38
C PHE A 365 8.02 14.75 -6.35
N ASN A 366 7.40 14.53 -5.19
CA ASN A 366 7.33 15.56 -4.16
C ASN A 366 8.34 15.35 -3.03
N GLY A 367 8.87 14.15 -2.92
CA GLY A 367 9.96 13.87 -1.99
C GLY A 367 9.55 13.55 -0.57
N MET A 368 10.49 13.72 0.36
CA MET A 368 10.34 13.27 1.74
C MET A 368 9.34 14.08 2.57
N LYS A 369 9.01 15.28 2.11
CA LYS A 369 8.06 16.12 2.83
C LYS A 369 6.62 15.69 2.56
N SER A 370 6.46 14.66 1.73
CA SER A 370 5.15 14.27 1.20
C SER A 370 4.10 14.01 2.27
N ALA A 371 4.46 13.24 3.30
CA ALA A 371 3.51 12.92 4.35
C ALA A 371 3.15 14.15 5.16
N VAL A 372 4.16 14.91 5.57
CA VAL A 372 3.95 16.13 6.33
C VAL A 372 3.07 17.10 5.56
N GLN A 373 3.39 17.29 4.28
CA GLN A 373 2.68 18.25 3.44
C GLN A 373 1.22 17.86 3.26
N ILE A 374 0.98 16.61 2.87
CA ILE A 374 -0.35 16.17 2.51
C ILE A 374 -1.28 16.06 3.73
N LYS A 375 -0.70 15.76 4.90
CA LYS A 375 -1.49 15.69 6.12
C LYS A 375 -2.03 17.07 6.48
N ARG A 376 -1.21 18.09 6.32
CA ARG A 376 -1.61 19.45 6.62
C ARG A 376 -2.70 19.94 5.67
N GLU A 377 -2.49 19.71 4.38
CA GLU A 377 -3.45 20.12 3.36
C GLU A 377 -4.83 19.49 3.58
N LEU A 378 -4.85 18.21 3.95
CA LEU A 378 -6.12 17.53 4.18
C LEU A 378 -6.82 18.11 5.41
N ASN A 379 -6.05 18.34 6.47
CA ASN A 379 -6.60 18.93 7.69
C ASN A 379 -7.23 20.29 7.45
N HIS A 380 -6.55 21.13 6.68
CA HIS A 380 -7.07 22.44 6.35
C HIS A 380 -8.35 22.33 5.52
N LEU A 381 -8.34 21.38 4.60
CA LEU A 381 -9.47 21.18 3.69
C LEU A 381 -10.69 20.66 4.45
N LEU A 382 -10.47 19.68 5.33
CA LEU A 382 -11.56 19.14 6.15
C LEU A 382 -12.21 20.25 6.99
N TYR A 383 -11.40 21.24 7.37
CA TYR A 383 -11.90 22.36 8.14
C TYR A 383 -12.68 23.33 7.26
N GLN A 384 -12.11 23.66 6.10
CA GLN A 384 -12.77 24.55 5.15
C GLN A 384 -14.13 24.01 4.72
N ARG A 385 -14.18 22.73 4.42
CA ARG A 385 -15.42 22.09 3.96
C ARG A 385 -16.42 21.88 5.11
N GLY A 386 -15.98 22.18 6.32
CA GLY A 386 -16.84 22.08 7.49
C GLY A 386 -17.13 20.66 7.91
N TYR A 387 -16.12 19.79 7.81
CA TYR A 387 -16.23 18.45 8.36
C TYR A 387 -15.74 18.44 9.79
N TYR A 388 -16.43 17.71 10.66
CA TYR A 388 -15.97 17.55 12.05
C TYR A 388 -14.69 16.71 12.07
N ASN A 389 -14.74 15.56 11.42
CA ASN A 389 -13.56 14.70 11.29
C ASN A 389 -13.51 14.07 9.90
N LEU A 390 -12.49 13.25 9.66
CA LEU A 390 -12.31 12.61 8.38
C LEU A 390 -13.41 11.58 8.12
N LYS A 391 -13.79 10.85 9.16
CA LYS A 391 -14.77 9.77 9.03
C LYS A 391 -16.11 10.28 8.50
N GLU A 392 -16.40 11.55 8.75
CA GLU A 392 -17.63 12.18 8.25
C GLU A 392 -17.64 12.30 6.73
N ALA A 393 -16.45 12.51 6.16
CA ALA A 393 -16.34 12.80 4.73
C ALA A 393 -16.41 11.54 3.89
N ILE A 394 -16.22 10.39 4.51
CA ILE A 394 -16.16 9.13 3.78
C ILE A 394 -17.48 8.83 3.06
N GLY A 395 -17.42 8.80 1.73
CA GLY A 395 -18.56 8.44 0.92
C GLY A 395 -19.66 9.47 0.89
N ARG A 396 -19.31 10.74 1.03
CA ARG A 396 -20.29 11.82 1.01
C ARG A 396 -20.78 12.10 -0.41
N LYS A 397 -19.92 11.86 -1.39
CA LYS A 397 -20.23 12.10 -2.79
C LYS A 397 -20.36 10.79 -3.55
C10 78Z B . 14.46 10.84 -7.12
C9 78Z B . 13.75 9.50 -7.04
N5 78Z B . 13.37 8.89 -8.20
C11 78Z B . 12.73 7.69 -8.16
N4 78Z B . 12.26 6.87 -9.19
C12 78Z B . 11.70 5.76 -8.63
N3 78Z B . 11.81 5.89 -7.31
N2 78Z B . 12.46 7.09 -7.04
C8 78Z B . 13.47 8.88 -5.78
C7 78Z B . 12.78 7.63 -5.83
C13 78Z B . 11.04 4.62 -9.37
C14 78Z B . 9.84 5.17 -10.09
F4 78Z B . 10.65 3.68 -8.50
F5 78Z B . 11.91 4.09 -10.25
N1 78Z B . 12.41 6.85 -4.70
C2 78Z B . 12.18 7.34 -3.38
C3 78Z B . 11.56 8.58 -3.11
C4 78Z B . 11.38 8.94 -1.76
C5 78Z B . 11.81 8.06 -0.76
N6 78Z B . 12.37 6.92 -1.08
C1 78Z B . 12.58 6.53 -2.33
C16 78Z B . 11.64 8.40 0.71
F1 78Z B . 10.92 9.52 0.85
F2 78Z B . 12.85 8.57 1.25
F3 78Z B . 11.02 7.38 1.31
H102 78Z B . 14.93 10.92 -7.98
H103 78Z B . 15.10 10.92 -6.39
H101 78Z B . 13.80 11.56 -7.04
H81 78Z B . 13.72 9.30 -4.94
H142 78Z B . 10.13 5.83 -10.75
H143 78Z B . 9.24 5.60 -9.44
H141 78Z B . 9.36 4.45 -10.54
H11 78Z B . 12.37 5.94 -4.81
H31 78Z B . 11.28 9.18 -3.83
H41 78Z B . 10.97 9.80 -1.52
H12 78Z B . 12.99 5.68 -2.51
N1 FMN C . 1.47 -2.78 -6.31
C2 FMN C . 1.35 -4.00 -5.67
O2 FMN C . 0.26 -4.34 -5.23
N3 FMN C . 2.47 -4.81 -5.53
C4 FMN C . 3.69 -4.41 -6.03
O4 FMN C . 4.68 -5.14 -5.91
C4A FMN C . 3.80 -3.18 -6.67
N5 FMN C . 5.02 -2.76 -7.18
C5A FMN C . 5.13 -1.54 -7.80
C6 FMN C . 6.36 -1.12 -8.30
C7 FMN C . 6.49 0.11 -8.94
C7M FMN C . 7.84 0.51 -9.46
C8 FMN C . 5.36 0.93 -9.07
C8M FMN C . 5.43 2.26 -9.74
C9 FMN C . 4.14 0.50 -8.56
C9A FMN C . 4.01 -0.73 -7.93
N10 FMN C . 2.78 -1.14 -7.43
C10 FMN C . 2.68 -2.37 -6.80
C1' FMN C . 1.55 -0.28 -7.56
C2' FMN C . 1.52 0.74 -6.41
O2' FMN C . 1.41 0.03 -5.20
C3' FMN C . 0.33 1.70 -6.54
O3' FMN C . -0.87 0.98 -6.45
C4' FMN C . 0.37 2.47 -7.85
O4' FMN C . 1.68 2.94 -8.09
C5' FMN C . -0.59 3.66 -7.87
O5' FMN C . -0.23 4.59 -6.86
P FMN C . 0.39 6.03 -7.25
O1P FMN C . 1.81 5.81 -7.69
O2P FMN C . 0.36 6.93 -6.03
O3P FMN C . -0.40 6.65 -8.38
HN3 FMN C . 2.38 -5.73 -5.05
H6 FMN C . 7.23 -1.77 -8.19
HM71 FMN C . 7.76 1.50 -9.93
HM72 FMN C . 8.18 -0.21 -10.20
HM73 FMN C . 8.55 0.55 -8.64
HM81 FMN C . 4.43 2.72 -9.73
HM82 FMN C . 6.13 2.90 -9.21
HM83 FMN C . 5.76 2.13 -10.77
H9 FMN C . 3.27 1.15 -8.67
H1'1 FMN C . 1.57 0.24 -8.51
H1'2 FMN C . 0.66 -0.91 -7.52
H2' FMN C . 2.44 1.31 -6.43
HO2' FMN C . 0.61 0.32 -4.72
H3' FMN C . 0.39 2.42 -5.72
H4' FMN C . 0.08 1.79 -8.66
HO4' FMN C . 1.67 3.92 -8.21
H5'1 FMN C . -1.60 3.31 -7.69
H5'2 FMN C . -0.55 4.15 -8.84
N1 ORO D . 3.95 -3.64 -10.89
C2 ORO D . 2.73 -3.01 -10.71
O2 ORO D . 2.50 -1.99 -11.28
N3 ORO D . 1.82 -3.55 -9.88
C4 ORO D . 2.09 -4.72 -9.23
O4 ORO D . 1.29 -5.20 -8.50
C5 ORO D . 3.30 -5.33 -9.41
C6 ORO D . 4.22 -4.77 -10.26
C7 ORO D . 5.55 -5.46 -10.46
O71 ORO D . 6.01 -5.55 -11.62
O72 ORO D . 6.20 -5.94 -9.46
HN1 ORO D . 4.53 -3.29 -11.42
HN3 ORO D . 0.99 -3.12 -9.75
H5 ORO D . 3.51 -6.21 -8.93
N1 LDA E . 17.77 11.68 12.11
O1 LDA E . 17.95 10.54 11.75
CM1 LDA E . 18.12 11.77 13.49
CM2 LDA E . 16.43 12.10 11.89
C1 LDA E . 18.73 12.54 11.50
C2 LDA E . 18.62 12.67 10.04
C3 LDA E . 19.74 13.63 9.75
C4 LDA E . 19.94 13.78 8.28
C5 LDA E . 20.17 15.21 7.93
C6 LDA E . 21.25 15.30 6.87
C7 LDA E . 21.11 16.59 6.10
C8 LDA E . 20.67 16.32 4.70
C9 LDA E . 21.85 16.32 3.75
C10 LDA E . 21.34 16.32 2.34
C11 LDA E . 22.43 15.89 1.38
C12 LDA E . 22.25 16.55 0.04
HM11 LDA E . 17.43 11.20 14.06
HM12 LDA E . 19.11 11.41 13.61
HM13 LDA E . 18.07 12.76 13.82
HM21 LDA E . 16.08 11.66 11.00
HM22 LDA E . 15.82 11.80 12.69
HM23 LDA E . 16.39 13.15 11.79
H11 LDA E . 18.62 13.54 11.91
H12 LDA E . 19.73 12.20 11.72
H21 LDA E . 17.66 13.11 9.76
H22 LDA E . 18.76 11.72 9.56
H31 LDA E . 20.66 13.25 10.20
H32 LDA E . 19.53 14.60 10.20
H41 LDA E . 20.80 13.18 7.96
H42 LDA E . 19.06 13.42 7.77
H51 LDA E . 19.25 15.65 7.55
H52 LDA E . 20.48 15.76 8.82
H61 LDA E . 21.16 14.47 6.19
H62 LDA E . 22.22 15.25 7.35
H71 LDA E . 20.38 17.24 6.61
H72 LDA E . 22.07 17.11 6.08
H81 LDA E . 19.95 17.08 4.38
H82 LDA E . 20.18 15.35 4.66
H91 LDA E . 22.45 17.22 3.92
H92 LDA E . 22.47 15.45 3.93
H101 LDA E . 20.98 17.31 2.08
H102 LDA E . 20.51 15.62 2.25
H111 LDA E . 23.40 16.16 1.78
H112 LDA E . 22.41 14.81 1.25
H121 LDA E . 21.34 16.20 -0.39
H122 LDA E . 22.20 17.59 0.18
H123 LDA E . 23.06 16.31 -0.58
C1 GOL F . 17.28 -5.23 7.04
O1 GOL F . 17.18 -3.85 6.80
C2 GOL F . 16.44 -5.63 8.26
O2 GOL F . 17.09 -5.23 9.44
C3 GOL F . 15.04 -5.01 8.18
O3 GOL F . 14.30 -5.38 9.32
H11 GOL F . 18.33 -5.49 7.23
H12 GOL F . 16.95 -5.79 6.17
HO1 GOL F . 17.77 -3.60 6.06
H2 GOL F . 16.34 -6.72 8.25
HO2 GOL F . 17.15 -4.25 9.45
H31 GOL F . 14.53 -5.37 7.29
H32 GOL F . 15.13 -3.93 8.12
HO3 GOL F . 13.37 -5.11 9.20
C1 GOL G . 13.89 15.49 12.76
O1 GOL G . 14.22 15.34 11.42
C2 GOL G . 13.21 16.83 13.08
O2 GOL G . 12.89 17.53 11.89
C3 GOL G . 11.98 16.67 13.96
O3 GOL G . 10.73 16.77 13.25
H11 GOL G . 13.24 14.67 13.06
H12 GOL G . 14.80 15.39 13.34
H2 GOL G . 13.94 17.43 13.64
HO2 GOL G . 12.16 17.10 11.46
H31 GOL G . 12.00 17.45 14.73
H32 GOL G . 12.02 15.72 14.46
HO3 GOL G . 9.99 16.57 13.82
#